data_1U7L
#
_entry.id   1U7L
#
_cell.length_a   62.537
_cell.length_b   62.537
_cell.length_c   337.375
_cell.angle_alpha   90.00
_cell.angle_beta   90.00
_cell.angle_gamma   90.00
#
_symmetry.space_group_name_H-M   'P 43 21 2'
#
loop_
_entity.id
_entity.type
_entity.pdbx_description
1 polymer 'Vacuolar ATP synthase subunit C'
2 non-polymer 'L(+)-TARTARIC ACID'
3 water water
#
_entity_poly.entity_id   1
_entity_poly.type   'polypeptide(L)'
_entity_poly.pdbx_seq_one_letter_code
;MATALYTANDFILISLPQNAQPVTAPGSKTDSWFNETLIGGRAFVSDFKIPEFKIGSLDTLIVESEELSKVDNQIGASIG
KIIEILQGLNETSTNAYRTLPINNMPVPEYLENFQWQTRKFKLDKSIKDLITLISNESSQLDADVRATYANYNSAKTNLA
AAERKKTGDLSVRSLHDIVKPEDFVLNSEHLTTVLVAVPKSLKSDFEKSYETLSKNVVPASASVIAEDAEYVLFNVHLFK
KNVQEFTTAAREKKFIPREFNYSEELIDQLKKEHDSAASLEQSLRVQLVRLAKTAYVDVFINWFHIKALRVYVESVLRYG
LPPHFNIKIIAVPPKNLSKCKSELIDAFGFLGGNAFMKDKKGKINKQDTSLHQYASLVDTEYEPFVMYIINL
;
_entity_poly.pdbx_strand_id   A
#
# COMPACT_ATOMS: atom_id res chain seq x y z
N LEU A 5 -12.43 15.41 -5.82
CA LEU A 5 -12.89 15.98 -4.52
C LEU A 5 -12.50 15.06 -3.36
N TYR A 6 -11.72 15.59 -2.43
CA TYR A 6 -11.34 14.88 -1.21
C TYR A 6 -12.28 15.32 -0.08
N THR A 7 -12.87 14.37 0.66
CA THR A 7 -13.79 14.72 1.75
C THR A 7 -13.14 14.27 3.04
N ALA A 8 -12.89 15.21 3.94
CA ALA A 8 -12.16 14.92 5.17
C ALA A 8 -13.10 14.18 6.10
N ASN A 9 -12.56 13.22 6.87
CA ASN A 9 -13.32 12.51 7.89
C ASN A 9 -12.49 12.64 9.15
N ASP A 10 -12.65 13.79 9.81
CA ASP A 10 -11.84 14.10 10.98
C ASP A 10 -12.62 13.88 12.25
N PHE A 11 -11.89 13.54 13.31
CA PHE A 11 -12.48 13.28 14.61
C PHE A 11 -11.69 14.04 15.66
N ILE A 12 -12.35 14.47 16.71
CA ILE A 12 -11.66 15.09 17.84
C ILE A 12 -11.92 14.26 19.09
N LEU A 13 -10.85 13.91 19.77
CA LEU A 13 -10.97 13.31 21.14
C LEU A 13 -10.75 14.46 22.11
N ILE A 14 -11.69 14.65 23.02
CA ILE A 14 -11.59 15.71 24.01
C ILE A 14 -11.87 15.17 25.41
N SER A 15 -11.12 15.65 26.38
CA SER A 15 -11.37 15.34 27.80
C SER A 15 -11.41 16.63 28.59
N LEU A 16 -12.36 16.72 29.53
CA LEU A 16 -12.48 17.91 30.40
C LEU A 16 -12.73 17.45 31.83
N PRO A 17 -12.44 18.32 32.82
CA PRO A 17 -12.94 18.02 34.17
C PRO A 17 -14.44 17.84 34.13
N GLN A 18 -14.92 16.92 34.98
CA GLN A 18 -16.31 16.54 35.04
C GLN A 18 -17.20 17.77 35.15
N ASN A 19 -16.81 18.73 35.99
CA ASN A 19 -17.65 19.90 36.26
C ASN A 19 -17.35 21.15 35.43
N ALA A 20 -16.48 21.03 34.41
CA ALA A 20 -16.15 22.14 33.52
C ALA A 20 -17.35 22.48 32.65
N GLN A 21 -17.59 23.79 32.52
CA GLN A 21 -18.66 24.32 31.69
C GLN A 21 -18.10 25.31 30.66
N PRO A 22 -18.76 25.42 29.49
CA PRO A 22 -18.29 26.34 28.46
C PRO A 22 -18.46 27.79 28.89
N VAL A 23 -17.38 28.59 28.82
CA VAL A 23 -17.46 30.01 29.20
C VAL A 23 -18.38 30.81 28.28
N THR A 24 -18.48 30.38 27.03
CA THR A 24 -19.26 31.07 26.00
C THR A 24 -20.77 30.80 26.08
N ALA A 25 -21.17 29.81 26.88
CA ALA A 25 -22.58 29.54 27.08
C ALA A 25 -22.90 29.37 28.57
N PRO A 26 -22.87 30.49 29.33
CA PRO A 26 -23.14 30.44 30.77
C PRO A 26 -24.53 29.89 31.07
N GLY A 27 -24.63 28.97 32.02
CA GLY A 27 -25.90 28.33 32.34
C GLY A 27 -26.32 27.17 31.44
N SER A 28 -25.48 26.80 30.47
CA SER A 28 -25.70 25.59 29.68
C SER A 28 -25.09 24.38 30.37
N LYS A 29 -25.76 23.23 30.26
CA LYS A 29 -25.17 21.96 30.65
C LYS A 29 -24.16 21.55 29.59
N THR A 30 -22.96 21.20 30.01
CA THR A 30 -21.87 20.86 29.08
C THR A 30 -22.27 19.76 28.09
N ASP A 31 -22.88 18.68 28.56
CA ASP A 31 -23.27 17.60 27.65
C ASP A 31 -24.27 18.02 26.58
N SER A 32 -25.28 18.83 26.94
CA SER A 32 -26.20 19.35 25.92
C SER A 32 -25.56 20.39 24.99
N TRP A 33 -24.69 21.24 25.54
CA TRP A 33 -23.92 22.19 24.71
C TRP A 33 -23.20 21.48 23.55
N PHE A 34 -22.52 20.38 23.86
CA PHE A 34 -21.83 19.62 22.83
C PHE A 34 -22.78 19.19 21.71
N ASN A 35 -24.02 18.83 22.07
CA ASN A 35 -25.01 18.31 21.14
C ASN A 35 -25.75 19.42 20.36
N GLU A 36 -26.01 20.52 21.03
CA GLU A 36 -26.96 21.53 20.55
C GLU A 36 -26.34 22.88 20.14
N THR A 37 -25.19 23.23 20.71
CA THR A 37 -24.61 24.57 20.53
C THR A 37 -23.29 24.58 19.73
N LEU A 38 -22.39 23.66 20.07
CA LEU A 38 -21.13 23.53 19.36
C LEU A 38 -21.41 23.44 17.85
N ILE A 39 -20.78 24.33 17.09
CA ILE A 39 -21.04 24.53 15.64
C ILE A 39 -22.53 24.42 15.23
N GLY A 40 -23.39 25.05 16.02
CA GLY A 40 -24.83 25.05 15.75
C GLY A 40 -25.50 23.69 15.85
N GLY A 41 -24.93 22.78 16.65
CA GLY A 41 -25.48 21.43 16.82
C GLY A 41 -25.17 20.46 15.68
N ARG A 42 -24.21 20.81 14.84
CA ARG A 42 -23.91 20.03 13.63
C ARG A 42 -22.85 18.92 13.76
N ALA A 43 -22.15 18.89 14.89
CA ALA A 43 -21.22 17.78 15.16
C ALA A 43 -21.99 16.56 15.68
N PHE A 44 -21.41 15.37 15.51
CA PHE A 44 -21.92 14.15 16.14
C PHE A 44 -21.00 13.76 17.28
N VAL A 45 -21.50 13.90 18.50
CA VAL A 45 -20.68 13.77 19.71
C VAL A 45 -21.08 12.49 20.45
N SER A 46 -20.09 11.66 20.82
CA SER A 46 -20.36 10.42 21.56
C SER A 46 -19.50 10.39 22.85
N ASP A 47 -19.99 9.72 23.90
CA ASP A 47 -19.11 9.39 25.01
C ASP A 47 -17.97 8.50 24.52
N PHE A 48 -16.79 8.68 25.09
CA PHE A 48 -15.61 7.86 24.80
C PHE A 48 -15.11 7.31 26.10
N LYS A 49 -15.37 6.02 26.31
CA LYS A 49 -15.14 5.42 27.62
C LYS A 49 -13.68 4.95 27.79
N ILE A 50 -13.02 5.44 28.83
CA ILE A 50 -11.64 5.07 29.13
C ILE A 50 -11.56 4.52 30.56
N PRO A 51 -10.85 3.38 30.73
CA PRO A 51 -10.63 2.74 32.04
C PRO A 51 -9.84 3.65 32.95
N GLU A 52 -9.95 3.41 34.25
CA GLU A 52 -9.07 4.08 35.18
C GLU A 52 -7.76 3.30 35.26
N PHE A 53 -6.77 3.70 34.48
CA PHE A 53 -5.55 2.93 34.40
C PHE A 53 -4.73 3.02 35.64
N LYS A 54 -3.95 1.98 35.88
CA LYS A 54 -3.03 1.92 37.00
C LYS A 54 -1.82 2.80 36.70
N ILE A 55 -1.71 3.90 37.43
CA ILE A 55 -0.54 4.78 37.35
C ILE A 55 0.51 4.14 38.26
N GLY A 56 1.65 3.78 37.70
CA GLY A 56 2.69 3.14 38.51
C GLY A 56 3.30 4.12 39.51
N SER A 57 3.49 5.36 39.08
CA SER A 57 4.11 6.36 39.90
C SER A 57 3.71 7.74 39.38
N LEU A 58 3.37 8.65 40.29
CA LEU A 58 3.01 9.99 39.87
C LEU A 58 4.20 10.63 39.13
N ASP A 59 5.42 10.23 39.52
CA ASP A 59 6.68 10.78 38.95
C ASP A 59 6.93 10.42 37.50
N THR A 60 6.30 9.37 36.99
CA THR A 60 6.63 8.94 35.63
C THR A 60 5.59 9.40 34.62
N LEU A 61 4.63 10.20 35.07
CA LEU A 61 3.55 10.58 34.17
C LEU A 61 4.06 11.41 32.99
N ILE A 62 5.00 12.33 33.24
CA ILE A 62 5.46 13.20 32.17
C ILE A 62 6.19 12.37 31.12
N VAL A 63 7.00 11.41 31.56
CA VAL A 63 7.73 10.51 30.64
C VAL A 63 6.77 9.59 29.85
N GLU A 64 5.75 9.08 30.53
CA GLU A 64 4.69 8.35 29.82
C GLU A 64 3.95 9.22 28.79
N SER A 65 3.65 10.47 29.13
CA SER A 65 3.00 11.39 28.17
C SER A 65 3.90 11.52 26.90
N GLU A 66 5.19 11.70 27.12
CA GLU A 66 6.11 11.82 25.97
C GLU A 66 6.16 10.56 25.10
N GLU A 67 6.24 9.40 25.75
CA GLU A 67 6.27 8.12 25.04
C GLU A 67 4.95 7.88 24.30
N LEU A 68 3.84 8.23 24.94
CA LEU A 68 2.52 8.06 24.29
C LEU A 68 2.39 8.94 23.03
N SER A 69 2.89 10.16 23.11
CA SER A 69 2.92 11.00 21.91
C SER A 69 3.71 10.28 20.78
N LYS A 70 4.88 9.76 21.11
CA LYS A 70 5.71 9.07 20.11
C LYS A 70 5.01 7.88 19.47
N VAL A 71 4.41 7.04 20.32
CA VAL A 71 3.77 5.81 19.85
C VAL A 71 2.51 6.12 19.04
N ASP A 72 1.71 7.07 19.51
CA ASP A 72 0.51 7.53 18.78
C ASP A 72 0.92 7.94 17.36
N ASN A 73 1.99 8.75 17.26
CA ASN A 73 2.48 9.17 15.94
C ASN A 73 3.03 8.02 15.08
N GLN A 74 3.77 7.10 15.70
CA GLN A 74 4.29 5.90 15.04
C GLN A 74 3.22 4.96 14.49
N ILE A 75 2.22 4.65 15.31
CA ILE A 75 1.14 3.83 14.82
C ILE A 75 0.32 4.53 13.74
N GLY A 76 0.10 5.83 13.89
CA GLY A 76 -0.64 6.61 12.87
C GLY A 76 0.08 6.53 11.50
N ALA A 77 1.41 6.62 11.55
CA ALA A 77 2.26 6.48 10.34
C ALA A 77 2.12 5.09 9.72
N SER A 78 2.15 4.06 10.58
CA SER A 78 1.98 2.67 10.14
C SER A 78 0.62 2.43 9.49
N ILE A 79 -0.45 2.90 10.13
CA ILE A 79 -1.79 2.73 9.55
C ILE A 79 -1.90 3.44 8.18
N GLY A 80 -1.28 4.62 8.08
CA GLY A 80 -1.25 5.38 6.81
C GLY A 80 -0.61 4.55 5.70
N LYS A 81 0.49 3.87 6.01
CA LYS A 81 1.19 2.97 5.05
C LYS A 81 0.35 1.76 4.66
N ILE A 82 -0.28 1.12 5.65
CA ILE A 82 -1.11 -0.03 5.35
C ILE A 82 -2.24 0.35 4.40
N ILE A 83 -2.86 1.50 4.66
CA ILE A 83 -3.97 2.01 3.84
C ILE A 83 -3.48 2.26 2.43
N GLU A 84 -2.31 2.91 2.32
CA GLU A 84 -1.67 3.13 0.99
C GLU A 84 -1.49 1.84 0.21
N ILE A 85 -0.99 0.79 0.88
CA ILE A 85 -0.82 -0.51 0.26
C ILE A 85 -2.15 -1.07 -0.26
N LEU A 86 -3.17 -1.06 0.60
CA LEU A 86 -4.51 -1.50 0.20
C LEU A 86 -5.10 -0.68 -0.95
N GLN A 87 -4.87 0.62 -0.93
CA GLN A 87 -5.27 1.50 -2.01
C GLN A 87 -4.56 1.13 -3.32
N GLY A 88 -3.27 0.83 -3.23
CA GLY A 88 -2.47 0.37 -4.39
C GLY A 88 -3.00 -0.92 -5.00
N LEU A 89 -3.71 -1.71 -4.19
CA LEU A 89 -4.28 -2.98 -4.63
C LEU A 89 -5.80 -2.89 -4.90
N ASN A 90 -6.35 -1.67 -4.90
CA ASN A 90 -7.79 -1.45 -5.08
C ASN A 90 -8.66 -2.22 -4.11
N GLU A 91 -8.17 -2.43 -2.90
CA GLU A 91 -8.93 -3.09 -1.86
C GLU A 91 -9.67 -2.06 -1.00
N THR A 92 -9.34 -0.79 -1.23
CA THR A 92 -10.05 0.33 -0.60
C THR A 92 -9.91 1.60 -1.46
N SER A 93 -10.72 2.62 -1.18
CA SER A 93 -10.74 3.86 -2.00
C SER A 93 -9.94 5.03 -1.41
N THR A 94 -9.81 6.11 -2.18
CA THR A 94 -8.90 7.23 -1.87
C THR A 94 -9.59 8.51 -1.39
N ASN A 95 -10.36 9.15 -2.27
CA ASN A 95 -10.97 10.46 -2.00
C ASN A 95 -12.05 10.42 -0.91
N ALA A 96 -12.63 9.24 -0.74
CA ALA A 96 -13.66 8.96 0.24
C ALA A 96 -13.53 7.51 0.68
N TYR A 97 -14.12 7.19 1.84
CA TYR A 97 -14.07 5.83 2.42
C TYR A 97 -12.66 5.23 2.31
N ARG A 98 -11.74 5.73 3.15
CA ARG A 98 -10.34 5.26 3.20
C ARG A 98 -10.06 4.40 4.43
N THR A 99 -11.04 3.60 4.83
CA THR A 99 -10.87 2.74 5.99
C THR A 99 -11.36 1.36 5.60
N LEU A 100 -11.35 0.43 6.53
CA LEU A 100 -12.02 -0.85 6.38
C LEU A 100 -12.93 -0.97 7.59
N PRO A 101 -13.92 -1.88 7.58
CA PRO A 101 -14.68 -2.09 8.82
C PRO A 101 -13.78 -2.68 9.91
N ILE A 102 -14.09 -2.31 11.15
CA ILE A 102 -13.45 -2.84 12.34
C ILE A 102 -14.47 -3.70 13.06
N ASN A 103 -14.17 -4.98 13.22
CA ASN A 103 -15.07 -5.88 13.97
C ASN A 103 -16.43 -5.90 13.26
N ASN A 104 -16.37 -5.86 11.92
CA ASN A 104 -17.57 -5.93 11.06
C ASN A 104 -18.52 -4.74 11.20
N MET A 105 -18.01 -3.60 11.68
CA MET A 105 -18.80 -2.39 11.66
C MET A 105 -17.95 -1.24 11.10
N PRO A 106 -18.60 -0.21 10.53
CA PRO A 106 -17.84 0.91 10.00
C PRO A 106 -17.04 1.61 11.10
N VAL A 107 -15.91 2.19 10.74
CA VAL A 107 -15.09 2.92 11.71
C VAL A 107 -15.89 3.86 12.63
N PRO A 108 -16.79 4.71 12.08
CA PRO A 108 -17.51 5.60 13.01
C PRO A 108 -18.37 4.87 14.04
N GLU A 109 -18.98 3.75 13.65
CA GLU A 109 -19.72 2.92 14.58
C GLU A 109 -18.82 2.28 15.65
N TYR A 110 -17.66 1.77 15.22
CA TYR A 110 -16.65 1.28 16.15
C TYR A 110 -16.30 2.36 17.16
N LEU A 111 -16.05 3.58 16.67
CA LEU A 111 -15.59 4.67 17.52
C LEU A 111 -16.68 5.18 18.46
N GLU A 112 -17.95 5.03 18.09
CA GLU A 112 -18.98 5.52 19.00
C GLU A 112 -19.22 4.55 20.17
N ASN A 113 -18.59 3.40 20.10
CA ASN A 113 -18.76 2.35 21.09
C ASN A 113 -17.44 1.79 21.61
N PHE A 114 -16.35 2.56 21.54
CA PHE A 114 -15.03 2.02 21.94
C PHE A 114 -15.08 1.36 23.33
N GLN A 115 -14.50 0.17 23.42
CA GLN A 115 -14.32 -0.50 24.72
C GLN A 115 -12.92 -1.05 24.80
N TRP A 116 -12.19 -0.70 25.86
CA TRP A 116 -10.87 -1.24 26.11
C TRP A 116 -10.95 -2.77 26.12
N GLN A 117 -9.99 -3.43 25.47
CA GLN A 117 -9.94 -4.91 25.38
C GLN A 117 -9.30 -5.48 26.63
N THR A 118 -10.13 -5.65 27.67
CA THR A 118 -9.66 -6.01 29.00
C THR A 118 -9.04 -7.42 29.09
N ARG A 119 -9.42 -8.28 28.15
CA ARG A 119 -8.87 -9.64 28.11
C ARG A 119 -7.56 -9.72 27.33
N LYS A 120 -7.27 -8.69 26.52
CA LYS A 120 -6.08 -8.66 25.67
C LYS A 120 -4.95 -7.87 26.32
N PHE A 121 -5.31 -6.69 26.81
CA PHE A 121 -4.36 -5.76 27.44
C PHE A 121 -4.87 -5.56 28.86
N LYS A 122 -4.40 -6.41 29.77
CA LYS A 122 -4.96 -6.44 31.11
C LYS A 122 -4.76 -5.16 31.90
N LEU A 123 -5.86 -4.70 32.50
CA LEU A 123 -5.88 -3.44 33.28
C LEU A 123 -5.18 -3.49 34.65
N ASP A 124 -4.73 -4.69 35.05
CA ASP A 124 -3.84 -4.78 36.22
C ASP A 124 -2.38 -4.43 35.91
N LYS A 125 -2.09 -4.12 34.63
CA LYS A 125 -0.77 -3.71 34.24
C LYS A 125 -0.66 -2.19 34.35
N SER A 126 0.52 -1.71 34.72
CA SER A 126 0.77 -0.27 34.83
C SER A 126 0.70 0.36 33.43
N ILE A 127 0.47 1.66 33.40
CA ILE A 127 0.55 2.43 32.13
C ILE A 127 1.86 2.12 31.40
N LYS A 128 2.97 2.19 32.11
CA LYS A 128 4.27 1.85 31.55
C LYS A 128 4.30 0.52 30.79
N ASP A 129 3.81 -0.54 31.43
CA ASP A 129 3.82 -1.86 30.83
C ASP A 129 2.79 -2.02 29.69
N LEU A 130 1.66 -1.33 29.79
CA LEU A 130 0.65 -1.32 28.69
C LEU A 130 1.21 -0.67 27.44
N ILE A 131 1.94 0.42 27.62
CA ILE A 131 2.58 1.10 26.47
C ILE A 131 3.51 0.13 25.76
N THR A 132 4.34 -0.57 26.54
CA THR A 132 5.34 -1.48 25.98
C THR A 132 4.68 -2.58 25.19
N LEU A 133 3.65 -3.18 25.78
CA LEU A 133 2.97 -4.31 25.19
C LEU A 133 2.22 -3.92 23.90
N ILE A 134 1.47 -2.82 23.96
CA ILE A 134 0.69 -2.38 22.80
C ILE A 134 1.64 -1.87 21.70
N SER A 135 2.67 -1.14 22.09
CA SER A 135 3.64 -0.61 21.13
C SER A 135 4.37 -1.76 20.42
N ASN A 136 4.82 -2.76 21.20
CA ASN A 136 5.55 -3.90 20.61
C ASN A 136 4.70 -4.71 19.62
N GLU A 137 3.45 -5.00 19.99
CA GLU A 137 2.58 -5.76 19.09
C GLU A 137 2.32 -4.99 17.80
N SER A 138 2.12 -3.69 17.93
CA SER A 138 1.79 -2.86 16.77
C SER A 138 3.00 -2.76 15.83
N SER A 139 4.18 -2.56 16.43
CA SER A 139 5.46 -2.60 15.69
C SER A 139 5.68 -3.92 14.95
N GLN A 140 5.35 -5.04 15.58
CA GLN A 140 5.49 -6.36 14.92
C GLN A 140 4.55 -6.49 13.73
N LEU A 141 3.30 -6.04 13.88
CA LEU A 141 2.35 -6.08 12.78
C LEU A 141 2.87 -5.24 11.59
N ASP A 142 3.41 -4.07 11.90
CA ASP A 142 3.99 -3.19 10.87
C ASP A 142 5.15 -3.91 10.17
N ALA A 143 6.02 -4.54 10.93
CA ALA A 143 7.18 -5.31 10.35
C ALA A 143 6.66 -6.43 9.45
N ASP A 144 5.61 -7.12 9.92
CA ASP A 144 5.00 -8.21 9.14
C ASP A 144 4.47 -7.70 7.79
N VAL A 145 3.74 -6.59 7.79
CA VAL A 145 3.18 -6.03 6.56
C VAL A 145 4.33 -5.62 5.62
N ARG A 146 5.32 -4.93 6.18
CA ARG A 146 6.46 -4.46 5.40
C ARG A 146 7.21 -5.62 4.75
N ALA A 147 7.39 -6.71 5.49
CA ALA A 147 8.10 -7.90 4.95
C ALA A 147 7.37 -8.52 3.74
N THR A 148 6.06 -8.75 3.89
CA THR A 148 5.28 -9.31 2.80
C THR A 148 5.15 -8.37 1.61
N TYR A 149 5.04 -7.07 1.89
CA TYR A 149 4.98 -6.08 0.83
C TYR A 149 6.30 -6.12 0.01
N ALA A 150 7.42 -6.15 0.71
CA ALA A 150 8.74 -6.22 0.05
C ALA A 150 8.82 -7.49 -0.81
N ASN A 151 8.38 -8.63 -0.27
CA ASN A 151 8.33 -9.89 -1.04
C ASN A 151 7.43 -9.82 -2.27
N TYR A 152 6.24 -9.26 -2.09
CA TYR A 152 5.32 -9.07 -3.20
C TYR A 152 5.96 -8.18 -4.30
N ASN A 153 6.57 -7.07 -3.87
CA ASN A 153 7.19 -6.15 -4.84
C ASN A 153 8.29 -6.84 -5.63
N SER A 154 9.01 -7.73 -4.95
CA SER A 154 10.08 -8.48 -5.61
C SER A 154 9.47 -9.45 -6.63
N ALA A 155 8.33 -10.06 -6.30
CA ALA A 155 7.61 -10.91 -7.28
C ALA A 155 7.12 -10.11 -8.48
N LYS A 156 6.63 -8.89 -8.23
CA LYS A 156 6.22 -8.00 -9.30
C LYS A 156 7.39 -7.68 -10.26
N THR A 157 8.58 -7.56 -9.70
CA THR A 157 9.80 -7.34 -10.49
C THR A 157 10.03 -8.48 -11.49
N ASN A 158 9.93 -9.72 -11.01
CA ASN A 158 10.13 -10.88 -11.90
C ASN A 158 9.02 -11.01 -12.92
N LEU A 159 7.77 -10.78 -12.51
CA LEU A 159 6.65 -10.78 -13.47
C LEU A 159 6.80 -9.72 -14.55
N ALA A 160 7.15 -8.50 -14.15
CA ALA A 160 7.29 -7.43 -15.12
C ALA A 160 8.43 -7.77 -16.11
N ALA A 161 9.53 -8.36 -15.62
CA ALA A 161 10.66 -8.77 -16.49
C ALA A 161 10.22 -9.82 -17.51
N ALA A 162 9.48 -10.83 -17.05
CA ALA A 162 8.98 -11.89 -17.93
C ALA A 162 8.00 -11.33 -18.96
N GLU A 163 7.10 -10.45 -18.51
CA GLU A 163 6.14 -9.83 -19.41
C GLU A 163 6.80 -8.97 -20.49
N ARG A 164 7.87 -8.27 -20.12
CA ARG A 164 8.54 -7.35 -21.01
C ARG A 164 9.14 -8.10 -22.22
N LYS A 165 9.48 -9.37 -21.99
CA LYS A 165 10.12 -10.20 -23.02
C LYS A 165 9.18 -10.46 -24.20
N LYS A 166 7.88 -10.45 -23.92
CA LYS A 166 6.83 -10.64 -24.92
C LYS A 166 6.24 -9.33 -25.47
N THR A 167 6.96 -8.23 -25.30
CA THR A 167 6.51 -6.95 -25.85
C THR A 167 7.41 -6.47 -26.98
N GLY A 168 6.88 -5.60 -27.82
CA GLY A 168 7.65 -5.03 -28.91
C GLY A 168 7.34 -5.69 -30.23
N ASP A 169 7.87 -5.14 -31.30
CA ASP A 169 7.63 -5.71 -32.62
C ASP A 169 8.56 -6.91 -32.81
N LEU A 170 8.40 -7.59 -33.96
CA LEU A 170 9.17 -8.81 -34.26
C LEU A 170 10.69 -8.61 -34.36
N SER A 171 11.14 -7.36 -34.41
CA SER A 171 12.59 -7.09 -34.43
C SER A 171 13.24 -7.21 -33.05
N VAL A 172 12.42 -7.12 -31.99
CA VAL A 172 12.94 -7.16 -30.61
C VAL A 172 12.28 -8.19 -29.69
N ARG A 173 11.03 -8.53 -29.96
CA ARG A 173 10.25 -9.41 -29.09
C ARG A 173 10.89 -10.80 -28.97
N SER A 174 10.77 -11.43 -27.80
CA SER A 174 11.14 -12.85 -27.67
C SER A 174 10.31 -13.71 -28.63
N LEU A 175 10.94 -14.73 -29.20
CA LEU A 175 10.25 -15.56 -30.20
C LEU A 175 9.80 -16.92 -29.69
N HIS A 176 9.98 -17.16 -28.40
CA HIS A 176 9.81 -18.52 -27.83
C HIS A 176 8.37 -19.04 -27.86
N ASP A 177 7.40 -18.15 -27.83
CA ASP A 177 6.00 -18.56 -27.92
C ASP A 177 5.46 -18.49 -29.34
N ILE A 178 6.32 -18.11 -30.28
CA ILE A 178 5.96 -17.97 -31.70
C ILE A 178 6.47 -19.15 -32.55
N VAL A 179 7.73 -19.53 -32.36
CA VAL A 179 8.38 -20.51 -33.25
C VAL A 179 7.98 -21.94 -32.90
N LYS A 180 8.15 -22.86 -33.86
CA LYS A 180 7.94 -24.30 -33.67
C LYS A 180 9.22 -25.05 -34.07
N PRO A 181 9.44 -26.28 -33.54
CA PRO A 181 10.67 -27.00 -33.91
C PRO A 181 10.80 -27.27 -35.43
N GLU A 182 9.65 -27.36 -36.10
CA GLU A 182 9.58 -27.59 -37.54
C GLU A 182 10.17 -26.43 -38.36
N ASP A 183 10.31 -25.28 -37.70
CA ASP A 183 10.85 -24.08 -38.34
C ASP A 183 12.36 -24.13 -38.48
N PHE A 184 12.98 -25.11 -37.84
CA PHE A 184 14.43 -25.15 -37.70
C PHE A 184 15.02 -26.46 -38.21
N VAL A 185 16.24 -26.35 -38.69
CA VAL A 185 17.09 -27.51 -38.89
C VAL A 185 17.79 -27.80 -37.57
N LEU A 186 17.36 -28.89 -36.92
CA LEU A 186 17.83 -29.28 -35.60
C LEU A 186 18.76 -30.47 -35.66
N ASN A 187 19.78 -30.45 -34.81
CA ASN A 187 20.70 -31.58 -34.59
C ASN A 187 21.59 -31.92 -35.80
N SER A 188 21.93 -30.90 -36.57
CA SER A 188 22.81 -31.08 -37.72
C SER A 188 24.17 -30.55 -37.35
N GLU A 189 25.24 -31.25 -37.71
CA GLU A 189 26.55 -30.70 -37.39
C GLU A 189 26.88 -29.55 -38.30
N HIS A 190 26.28 -29.52 -39.50
CA HIS A 190 26.72 -28.61 -40.57
C HIS A 190 25.70 -27.58 -41.04
N LEU A 191 24.43 -27.82 -40.80
CA LEU A 191 23.37 -26.94 -41.27
C LEU A 191 22.66 -26.31 -40.10
N THR A 192 22.11 -25.13 -40.32
CA THR A 192 21.33 -24.47 -39.27
C THR A 192 20.29 -23.54 -39.86
N THR A 193 19.59 -22.80 -39.00
CA THR A 193 18.51 -21.94 -39.45
C THR A 193 18.76 -20.58 -38.84
N VAL A 194 18.56 -19.51 -39.62
CA VAL A 194 18.60 -18.14 -39.08
C VAL A 194 17.21 -17.56 -39.25
N LEU A 195 16.73 -16.82 -38.22
CA LEU A 195 15.47 -16.08 -38.33
C LEU A 195 15.79 -14.64 -38.64
N VAL A 196 15.01 -14.04 -39.53
CA VAL A 196 15.29 -12.66 -39.97
C VAL A 196 13.99 -11.85 -39.90
N ALA A 197 13.99 -10.78 -39.11
CA ALA A 197 12.85 -9.85 -39.09
C ALA A 197 13.05 -8.84 -40.20
N VAL A 198 12.09 -8.79 -41.13
CA VAL A 198 12.21 -7.97 -42.32
C VAL A 198 11.10 -6.91 -42.26
N PRO A 199 11.49 -5.61 -42.35
CA PRO A 199 10.47 -4.54 -42.47
C PRO A 199 9.54 -4.84 -43.64
N LYS A 200 8.23 -4.68 -43.44
CA LYS A 200 7.25 -5.11 -44.45
C LYS A 200 7.49 -4.52 -45.86
N SER A 201 8.04 -3.32 -45.90
CA SER A 201 8.34 -2.68 -47.18
C SER A 201 9.46 -3.39 -47.92
N LEU A 202 10.32 -4.09 -47.18
CA LEU A 202 11.48 -4.77 -47.75
C LEU A 202 11.25 -6.25 -47.99
N LYS A 203 10.01 -6.72 -47.76
CA LYS A 203 9.64 -8.13 -47.94
C LYS A 203 10.09 -8.71 -49.30
N SER A 204 9.83 -7.98 -50.39
CA SER A 204 10.21 -8.46 -51.73
C SER A 204 11.72 -8.43 -51.91
N ASP A 205 12.36 -7.40 -51.39
CA ASP A 205 13.81 -7.26 -51.46
C ASP A 205 14.46 -8.48 -50.80
N PHE A 206 13.95 -8.88 -49.64
CA PHE A 206 14.45 -10.09 -48.96
C PHE A 206 14.22 -11.34 -49.79
N GLU A 207 12.97 -11.54 -50.25
CA GLU A 207 12.62 -12.73 -51.05
C GLU A 207 13.51 -12.84 -52.29
N LYS A 208 13.87 -11.71 -52.89
CA LYS A 208 14.74 -11.68 -54.07
C LYS A 208 16.21 -11.87 -53.77
N SER A 209 16.64 -11.55 -52.55
CA SER A 209 18.07 -11.47 -52.29
C SER A 209 18.62 -12.51 -51.32
N TYR A 210 17.75 -13.15 -50.53
CA TYR A 210 18.29 -13.92 -49.40
C TYR A 210 19.20 -15.08 -49.84
N GLU A 211 18.96 -15.63 -51.04
CA GLU A 211 19.71 -16.83 -51.44
C GLU A 211 21.16 -16.56 -51.79
N THR A 212 21.51 -15.28 -51.86
CA THR A 212 22.85 -14.86 -52.20
C THR A 212 23.44 -13.91 -51.16
N LEU A 213 22.83 -13.83 -49.97
CA LEU A 213 23.39 -13.03 -48.87
C LEU A 213 24.70 -13.64 -48.33
N SER A 214 24.85 -14.96 -48.46
CA SER A 214 26.12 -15.64 -48.17
C SER A 214 26.27 -16.83 -49.10
N LYS A 215 27.45 -17.45 -49.06
CA LYS A 215 27.65 -18.77 -49.62
C LYS A 215 26.70 -19.74 -48.93
N ASN A 216 26.26 -20.75 -49.69
CA ASN A 216 25.58 -21.93 -49.11
C ASN A 216 24.28 -21.71 -48.34
N VAL A 217 23.45 -20.81 -48.86
CA VAL A 217 22.08 -20.72 -48.44
C VAL A 217 21.30 -21.82 -49.16
N VAL A 218 20.50 -22.56 -48.40
CA VAL A 218 19.64 -23.61 -49.02
C VAL A 218 18.61 -22.91 -49.91
N PRO A 219 18.68 -23.19 -51.23
CA PRO A 219 17.73 -22.44 -52.07
C PRO A 219 16.29 -22.79 -51.74
N ALA A 220 15.41 -21.81 -51.90
CA ALA A 220 13.99 -21.94 -51.63
C ALA A 220 13.62 -22.31 -50.18
N SER A 221 14.55 -22.12 -49.23
CA SER A 221 14.29 -22.49 -47.83
C SER A 221 13.51 -21.44 -47.04
N ALA A 222 13.41 -20.22 -47.53
CA ALA A 222 12.76 -19.14 -46.74
C ALA A 222 11.27 -19.29 -46.67
N SER A 223 10.70 -19.09 -45.49
CA SER A 223 9.26 -19.02 -45.37
C SER A 223 8.88 -17.95 -44.35
N VAL A 224 7.69 -17.37 -44.50
CA VAL A 224 7.20 -16.41 -43.51
C VAL A 224 6.63 -17.19 -42.34
N ILE A 225 7.17 -16.97 -41.14
CA ILE A 225 6.71 -17.75 -39.98
C ILE A 225 5.88 -16.94 -38.98
N ALA A 226 5.92 -15.62 -39.13
CA ALA A 226 5.14 -14.72 -38.29
C ALA A 226 5.12 -13.36 -38.94
N GLU A 227 4.13 -12.55 -38.58
CA GLU A 227 4.11 -11.16 -39.02
C GLU A 227 3.40 -10.29 -38.01
N ASP A 228 3.70 -9.00 -38.06
CA ASP A 228 2.96 -8.01 -37.27
C ASP A 228 2.83 -6.73 -38.11
N ALA A 229 2.43 -5.63 -37.47
CA ALA A 229 2.11 -4.39 -38.19
C ALA A 229 3.27 -3.87 -39.04
N GLU A 230 4.50 -4.11 -38.59
CA GLU A 230 5.68 -3.54 -39.23
C GLU A 230 6.60 -4.58 -39.89
N TYR A 231 6.53 -5.83 -39.43
CA TYR A 231 7.52 -6.85 -39.83
C TYR A 231 6.94 -8.16 -40.33
N VAL A 232 7.72 -8.81 -41.19
CA VAL A 232 7.58 -10.21 -41.46
C VAL A 232 8.84 -10.92 -40.91
N LEU A 233 8.62 -12.05 -40.22
CA LEU A 233 9.72 -12.89 -39.73
C LEU A 233 9.87 -14.08 -40.68
N PHE A 234 11.05 -14.23 -41.27
CA PHE A 234 11.38 -15.37 -42.13
C PHE A 234 12.29 -16.34 -41.41
N ASN A 235 12.20 -17.62 -41.74
CA ASN A 235 13.31 -18.54 -41.47
C ASN A 235 14.11 -18.75 -42.74
N VAL A 236 15.39 -19.10 -42.60
CA VAL A 236 16.28 -19.38 -43.74
C VAL A 236 17.20 -20.52 -43.29
N HIS A 237 17.39 -21.55 -44.13
CA HIS A 237 18.33 -22.64 -43.79
C HIS A 237 19.63 -22.47 -44.59
N LEU A 238 20.76 -22.69 -43.93
CA LEU A 238 22.05 -22.43 -44.54
C LEU A 238 23.16 -23.16 -43.76
N PHE A 239 24.37 -23.19 -44.32
CA PHE A 239 25.48 -23.87 -43.68
C PHE A 239 25.89 -23.03 -42.46
N LYS A 240 26.15 -23.72 -41.35
CA LYS A 240 26.66 -23.06 -40.14
C LYS A 240 27.90 -22.21 -40.40
N LYS A 241 28.79 -22.69 -41.26
CA LYS A 241 30.06 -22.00 -41.53
C LYS A 241 29.87 -20.67 -42.25
N ASN A 242 28.68 -20.44 -42.81
CA ASN A 242 28.38 -19.22 -43.53
C ASN A 242 27.44 -18.25 -42.81
N VAL A 243 27.11 -18.57 -41.56
CA VAL A 243 26.17 -17.74 -40.81
C VAL A 243 26.71 -16.33 -40.55
N GLN A 244 28.01 -16.16 -40.27
CA GLN A 244 28.52 -14.79 -40.03
C GLN A 244 28.34 -13.92 -41.27
N GLU A 245 28.70 -14.47 -42.42
CA GLU A 245 28.59 -13.73 -43.68
C GLU A 245 27.14 -13.35 -43.92
N PHE A 246 26.24 -14.31 -43.71
CA PHE A 246 24.81 -14.09 -43.95
C PHE A 246 24.27 -12.96 -43.07
N THR A 247 24.61 -13.03 -41.78
CA THR A 247 24.16 -12.08 -40.77
C THR A 247 24.64 -10.67 -41.11
N THR A 248 25.93 -10.54 -41.41
CA THR A 248 26.52 -9.24 -41.78
C THR A 248 25.85 -8.66 -43.02
N ALA A 249 25.70 -9.50 -44.04
CA ALA A 249 25.04 -9.08 -45.27
C ALA A 249 23.59 -8.68 -45.04
N ALA A 250 22.86 -9.48 -44.25
CA ALA A 250 21.45 -9.15 -43.96
C ALA A 250 21.32 -7.78 -43.27
N ARG A 251 22.17 -7.52 -42.29
CA ARG A 251 22.14 -6.24 -41.54
C ARG A 251 22.44 -5.05 -42.44
N GLU A 252 23.39 -5.22 -43.37
CA GLU A 252 23.70 -4.17 -44.34
C GLU A 252 22.51 -3.82 -45.22
N LYS A 253 21.62 -4.78 -45.46
CA LYS A 253 20.39 -4.56 -46.22
C LYS A 253 19.22 -4.06 -45.40
N LYS A 254 19.47 -3.74 -44.12
CA LYS A 254 18.43 -3.25 -43.18
C LYS A 254 17.43 -4.35 -42.76
N PHE A 255 17.83 -5.62 -42.92
CA PHE A 255 17.10 -6.72 -42.30
C PHE A 255 17.65 -6.91 -40.90
N ILE A 256 16.90 -7.59 -40.04
CA ILE A 256 17.31 -7.78 -38.63
C ILE A 256 17.35 -9.27 -38.25
N PRO A 257 18.51 -9.92 -38.46
CA PRO A 257 18.63 -11.30 -37.99
C PRO A 257 18.33 -11.36 -36.49
N ARG A 258 17.64 -12.41 -36.06
CA ARG A 258 17.25 -12.60 -34.67
C ARG A 258 17.92 -13.86 -34.12
N GLU A 259 18.96 -13.69 -33.29
CA GLU A 259 19.62 -14.86 -32.67
C GLU A 259 18.59 -15.78 -32.01
N PHE A 260 18.62 -17.05 -32.37
CA PHE A 260 17.69 -18.00 -31.79
C PHE A 260 18.19 -19.42 -31.91
N ASN A 261 18.71 -19.96 -30.84
CA ASN A 261 19.17 -21.31 -30.94
C ASN A 261 18.23 -22.28 -30.26
N TYR A 262 17.41 -22.90 -31.11
CA TYR A 262 16.25 -23.66 -30.66
C TYR A 262 16.62 -24.89 -29.84
N SER A 263 16.05 -24.98 -28.65
CA SER A 263 16.03 -26.23 -27.90
C SER A 263 14.75 -26.32 -27.11
N GLU A 264 14.29 -27.56 -26.92
CA GLU A 264 13.18 -27.81 -26.02
C GLU A 264 13.45 -27.20 -24.63
N GLU A 265 14.65 -27.40 -24.08
CA GLU A 265 14.98 -26.86 -22.75
C GLU A 265 14.78 -25.34 -22.68
N LEU A 266 15.34 -24.62 -23.64
CA LEU A 266 15.27 -23.15 -23.68
C LEU A 266 13.82 -22.65 -23.69
N ILE A 267 13.04 -23.20 -24.61
CA ILE A 267 11.63 -22.84 -24.74
C ILE A 267 10.89 -23.22 -23.46
N ASP A 268 11.11 -24.44 -22.97
CA ASP A 268 10.48 -24.90 -21.74
C ASP A 268 10.77 -23.98 -20.56
N GLN A 269 12.03 -23.58 -20.41
CA GLN A 269 12.39 -22.75 -19.26
C GLN A 269 11.89 -21.30 -19.41
N LEU A 270 11.83 -20.81 -20.64
CA LEU A 270 11.27 -19.48 -20.89
C LEU A 270 9.77 -19.46 -20.60
N LYS A 271 9.08 -20.53 -20.96
CA LYS A 271 7.66 -20.67 -20.61
C LYS A 271 7.48 -20.80 -19.10
N LYS A 272 8.36 -21.56 -18.47
CA LYS A 272 8.30 -21.77 -17.03
C LYS A 272 8.58 -20.50 -16.23
N GLU A 273 9.47 -19.64 -16.75
CA GLU A 273 9.68 -18.33 -16.13
C GLU A 273 8.38 -17.51 -16.06
N HIS A 274 7.72 -17.34 -17.20
CA HIS A 274 6.52 -16.51 -17.24
C HIS A 274 5.42 -17.14 -16.37
N ASP A 275 5.22 -18.44 -16.51
CA ASP A 275 4.18 -19.15 -15.73
C ASP A 275 4.41 -19.05 -14.23
N SER A 276 5.66 -19.29 -13.83
CA SER A 276 6.04 -19.29 -12.43
C SER A 276 6.01 -17.89 -11.85
N ALA A 277 6.45 -16.90 -12.62
CA ALA A 277 6.39 -15.50 -12.16
C ALA A 277 4.95 -15.07 -11.93
N ALA A 278 4.05 -15.48 -12.85
CA ALA A 278 2.64 -15.12 -12.74
C ALA A 278 1.99 -15.75 -11.51
N SER A 279 2.31 -17.03 -11.27
CA SER A 279 1.77 -17.78 -10.14
C SER A 279 2.30 -17.23 -8.81
N LEU A 280 3.57 -16.89 -8.79
CA LEU A 280 4.17 -16.31 -7.59
C LEU A 280 3.58 -14.94 -7.25
N GLU A 281 3.47 -14.06 -8.25
CA GLU A 281 2.81 -12.74 -8.06
C GLU A 281 1.36 -12.91 -7.56
N GLN A 282 0.60 -13.80 -8.18
CA GLN A 282 -0.78 -14.10 -7.77
C GLN A 282 -0.87 -14.52 -6.29
N SER A 283 -0.04 -15.48 -5.90
CA SER A 283 -0.01 -15.99 -4.54
C SER A 283 0.34 -14.90 -3.52
N LEU A 284 1.42 -14.16 -3.79
CA LEU A 284 1.83 -13.09 -2.87
C LEU A 284 0.85 -11.93 -2.81
N ARG A 285 0.14 -11.68 -3.92
CA ARG A 285 -0.90 -10.64 -3.93
C ARG A 285 -2.00 -11.02 -2.95
N VAL A 286 -2.46 -12.27 -3.05
CA VAL A 286 -3.51 -12.77 -2.14
C VAL A 286 -3.02 -12.72 -0.69
N GLN A 287 -1.81 -13.22 -0.44
CA GLN A 287 -1.23 -13.16 0.90
C GLN A 287 -1.17 -11.74 1.44
N LEU A 288 -0.79 -10.79 0.59
CA LEU A 288 -0.60 -9.40 1.00
C LEU A 288 -1.94 -8.73 1.29
N VAL A 289 -2.93 -8.94 0.42
CA VAL A 289 -4.27 -8.41 0.66
C VAL A 289 -4.79 -8.91 2.02
N ARG A 290 -4.69 -10.21 2.28
CA ARG A 290 -5.23 -10.79 3.51
C ARG A 290 -4.53 -10.22 4.73
N LEU A 291 -3.19 -10.20 4.69
CA LEU A 291 -2.42 -9.70 5.82
C LEU A 291 -2.61 -8.22 6.05
N ALA A 292 -2.60 -7.42 4.98
CA ALA A 292 -2.80 -5.98 5.13
C ALA A 292 -4.20 -5.69 5.75
N LYS A 293 -5.22 -6.43 5.32
CA LYS A 293 -6.57 -6.25 5.89
C LYS A 293 -6.65 -6.62 7.38
N THR A 294 -6.05 -7.75 7.78
CA THR A 294 -6.11 -8.17 9.19
C THR A 294 -5.24 -7.25 10.04
N ALA A 295 -4.08 -6.87 9.50
CA ALA A 295 -3.21 -5.93 10.21
C ALA A 295 -3.86 -4.56 10.38
N TYR A 296 -4.52 -4.05 9.34
CA TYR A 296 -5.19 -2.77 9.43
C TYR A 296 -6.11 -2.78 10.66
N VAL A 297 -6.92 -3.84 10.80
CA VAL A 297 -7.91 -3.88 11.91
C VAL A 297 -7.21 -3.92 13.28
N ASP A 298 -6.24 -4.80 13.46
CA ASP A 298 -5.56 -4.94 14.74
C ASP A 298 -4.79 -3.68 15.07
N VAL A 299 -4.12 -3.10 14.05
CA VAL A 299 -3.37 -1.87 14.30
C VAL A 299 -4.29 -0.69 14.64
N PHE A 300 -5.42 -0.56 13.96
CA PHE A 300 -6.35 0.51 14.24
C PHE A 300 -6.88 0.38 15.70
N ILE A 301 -7.27 -0.84 16.08
CA ILE A 301 -7.75 -1.05 17.47
C ILE A 301 -6.65 -0.66 18.47
N ASN A 302 -5.44 -1.14 18.24
CA ASN A 302 -4.29 -0.79 19.09
C ASN A 302 -4.06 0.71 19.12
N TRP A 303 -4.19 1.36 17.97
CA TRP A 303 -4.01 2.82 17.91
C TRP A 303 -4.96 3.53 18.89
N PHE A 304 -6.23 3.12 18.90
CA PHE A 304 -7.18 3.73 19.83
C PHE A 304 -6.97 3.38 21.33
N HIS A 305 -6.37 2.22 21.60
CA HIS A 305 -5.94 1.89 22.97
C HIS A 305 -4.83 2.84 23.38
N ILE A 306 -3.87 3.07 22.47
CA ILE A 306 -2.84 4.09 22.77
C ILE A 306 -3.43 5.50 22.98
N LYS A 307 -4.38 5.91 22.13
CA LYS A 307 -5.07 7.20 22.31
C LYS A 307 -5.82 7.27 23.66
N ALA A 308 -6.47 6.16 24.05
CA ALA A 308 -7.14 6.13 25.36
C ALA A 308 -6.13 6.41 26.48
N LEU A 309 -4.99 5.70 26.44
CA LEU A 309 -3.92 5.89 27.42
C LEU A 309 -3.42 7.34 27.39
N ARG A 310 -3.23 7.86 26.18
CA ARG A 310 -2.70 9.22 26.04
C ARG A 310 -3.65 10.25 26.63
N VAL A 311 -4.95 10.12 26.32
CA VAL A 311 -5.96 11.03 26.82
C VAL A 311 -5.99 10.93 28.37
N TYR A 312 -5.89 9.72 28.92
CA TYR A 312 -5.91 9.58 30.39
C TYR A 312 -4.72 10.24 31.08
N VAL A 313 -3.52 9.98 30.56
CA VAL A 313 -2.28 10.52 31.14
C VAL A 313 -2.34 12.04 31.05
N GLU A 314 -2.77 12.56 29.89
CA GLU A 314 -2.80 14.02 29.70
C GLU A 314 -3.82 14.67 30.62
N SER A 315 -4.96 14.00 30.82
CA SER A 315 -6.01 14.54 31.67
C SER A 315 -5.55 14.56 33.12
N VAL A 316 -4.87 13.50 33.56
CA VAL A 316 -4.27 13.50 34.93
C VAL A 316 -3.27 14.65 35.10
N LEU A 317 -2.36 14.81 34.12
CA LEU A 317 -1.36 15.88 34.14
C LEU A 317 -1.99 17.27 34.16
N ARG A 318 -3.01 17.47 33.35
CA ARG A 318 -3.60 18.79 33.17
C ARG A 318 -4.75 19.14 34.13
N TYR A 319 -5.46 18.11 34.64
CA TYR A 319 -6.66 18.36 35.44
C TYR A 319 -6.54 17.81 36.85
N GLY A 320 -5.51 17.02 37.08
CA GLY A 320 -5.22 16.49 38.44
C GLY A 320 -5.98 15.24 38.78
N LEU A 321 -5.75 14.74 40.00
CA LEU A 321 -6.46 13.56 40.51
C LEU A 321 -7.39 14.00 41.63
N PRO A 322 -8.49 13.26 41.86
CA PRO A 322 -8.91 12.02 41.24
C PRO A 322 -9.38 12.17 39.78
N PRO A 323 -9.31 11.10 38.98
CA PRO A 323 -9.57 11.11 37.53
C PRO A 323 -11.03 11.20 37.14
N HIS A 324 -11.67 12.31 37.54
CA HIS A 324 -13.05 12.60 37.20
C HIS A 324 -13.17 13.45 35.93
N PHE A 325 -13.18 12.76 34.80
CA PHE A 325 -13.10 13.37 33.45
C PHE A 325 -14.34 13.12 32.63
N ASN A 326 -14.71 14.11 31.82
CA ASN A 326 -15.81 14.02 30.88
C ASN A 326 -15.12 13.86 29.52
N ILE A 327 -15.27 12.71 28.88
CA ILE A 327 -14.48 12.38 27.70
C ILE A 327 -15.35 12.03 26.50
N LYS A 328 -15.06 12.65 25.36
CA LYS A 328 -15.94 12.59 24.21
C LYS A 328 -15.15 12.40 22.92
N ILE A 329 -15.78 11.74 21.96
CA ILE A 329 -15.24 11.66 20.61
C ILE A 329 -16.23 12.38 19.72
N ILE A 330 -15.70 13.25 18.87
CA ILE A 330 -16.54 14.12 18.04
C ILE A 330 -16.26 13.79 16.56
N ALA A 331 -17.31 13.49 15.80
CA ALA A 331 -17.18 13.35 14.35
C ALA A 331 -17.49 14.74 13.82
N VAL A 332 -16.49 15.30 13.14
CA VAL A 332 -16.53 16.70 12.71
C VAL A 332 -17.03 16.68 11.28
N PRO A 333 -18.04 17.51 10.96
CA PRO A 333 -18.47 17.56 9.54
C PRO A 333 -17.36 18.11 8.64
N PRO A 334 -17.27 17.63 7.39
CA PRO A 334 -16.21 18.09 6.47
C PRO A 334 -16.28 19.60 6.41
N LYS A 335 -15.12 20.22 6.21
CA LYS A 335 -15.03 21.68 6.14
C LYS A 335 -15.35 22.47 7.41
N ASN A 336 -15.54 21.79 8.56
CA ASN A 336 -15.82 22.49 9.80
C ASN A 336 -14.81 22.27 10.96
N LEU A 337 -13.65 21.68 10.64
CA LEU A 337 -12.63 21.31 11.67
C LEU A 337 -12.04 22.53 12.31
N SER A 338 -11.55 23.45 11.48
CA SER A 338 -11.03 24.70 12.00
C SER A 338 -12.05 25.45 12.90
N LYS A 339 -13.30 25.56 12.50
CA LYS A 339 -14.35 26.16 13.32
C LYS A 339 -14.71 25.40 14.64
N CYS A 340 -14.80 24.08 14.55
CA CYS A 340 -15.07 23.26 15.72
C CYS A 340 -13.96 23.48 16.76
N LYS A 341 -12.73 23.38 16.30
CA LYS A 341 -11.56 23.60 17.17
C LYS A 341 -11.63 24.97 17.83
N SER A 342 -11.91 26.01 17.03
CA SER A 342 -11.91 27.37 17.60
C SER A 342 -13.05 27.58 18.62
N GLU A 343 -14.22 26.99 18.38
CA GLU A 343 -15.33 27.04 19.32
C GLU A 343 -15.04 26.31 20.64
N LEU A 344 -14.37 25.17 20.53
CA LEU A 344 -13.93 24.40 21.69
C LEU A 344 -12.92 25.20 22.55
N ILE A 345 -11.97 25.83 21.86
CA ILE A 345 -10.97 26.69 22.52
C ILE A 345 -11.59 27.90 23.24
N ASP A 346 -12.52 28.58 22.57
CA ASP A 346 -13.27 29.66 23.23
C ASP A 346 -14.00 29.24 24.49
N ALA A 347 -14.60 28.03 24.46
CA ALA A 347 -15.43 27.56 25.55
C ALA A 347 -14.63 27.01 26.71
N PHE A 348 -13.51 26.34 26.41
CA PHE A 348 -12.79 25.57 27.42
C PHE A 348 -11.31 25.93 27.57
N GLY A 349 -10.80 26.85 26.74
CA GLY A 349 -9.40 27.25 26.80
C GLY A 349 -8.97 27.78 28.17
N PHE A 350 -9.92 28.23 28.98
CA PHE A 350 -9.64 28.69 30.36
C PHE A 350 -8.98 27.61 31.21
N LEU A 351 -9.24 26.35 30.86
CA LEU A 351 -8.69 25.23 31.62
C LEU A 351 -7.16 25.23 31.60
N GLY A 352 -6.60 25.85 30.58
CA GLY A 352 -5.14 25.92 30.37
C GLY A 352 -4.50 27.06 31.13
N GLY A 353 -5.33 27.89 31.76
CA GLY A 353 -4.90 29.09 32.48
C GLY A 353 -4.93 30.28 31.54
N ASN A 354 -5.32 31.45 32.03
CA ASN A 354 -5.45 32.65 31.17
C ASN A 354 -4.16 33.01 30.41
N ALA A 355 -3.01 32.60 30.94
CA ALA A 355 -1.71 32.96 30.35
C ALA A 355 -1.29 32.20 29.09
N PHE A 356 -2.07 31.19 28.73
CA PHE A 356 -1.68 30.26 27.67
C PHE A 356 -2.52 30.34 26.39
N MET A 357 -2.83 31.56 25.95
CA MET A 357 -3.63 31.78 24.73
C MET A 357 -2.75 31.73 23.47
N TYR A 382 0.81 22.26 21.59
CA TYR A 382 -0.04 22.78 22.65
C TYR A 382 -1.47 22.97 22.18
N GLU A 383 -2.43 22.44 22.94
CA GLU A 383 -3.78 23.00 23.00
C GLU A 383 -3.98 23.39 24.46
N PRO A 384 -4.86 24.37 24.74
CA PRO A 384 -5.09 24.82 26.12
C PRO A 384 -5.85 23.81 27.01
N PHE A 385 -6.21 22.66 26.46
CA PHE A 385 -6.86 21.56 27.24
C PHE A 385 -6.66 20.29 26.44
N VAL A 386 -7.13 19.16 26.98
CA VAL A 386 -6.83 17.88 26.38
C VAL A 386 -7.73 17.67 25.16
N MET A 387 -7.12 17.81 23.98
CA MET A 387 -7.82 17.75 22.68
C MET A 387 -6.86 17.22 21.63
N TYR A 388 -7.28 16.16 20.93
CA TYR A 388 -6.47 15.56 19.86
C TYR A 388 -7.32 15.44 18.61
N ILE A 389 -6.71 15.78 17.48
CA ILE A 389 -7.34 15.69 16.18
C ILE A 389 -6.81 14.46 15.46
N ILE A 390 -7.75 13.67 14.94
CA ILE A 390 -7.44 12.43 14.23
C ILE A 390 -8.00 12.51 12.80
N ASN A 391 -7.11 12.40 11.84
CA ASN A 391 -7.49 12.57 10.42
C ASN A 391 -7.68 11.19 9.79
N LEU A 392 -8.94 10.80 9.60
CA LEU A 392 -9.28 9.49 9.02
C LEU A 392 -9.81 9.64 7.58
#